data_8FKC
#
_entry.id   8FKC
#
_cell.length_a   62.054
_cell.length_b   62.054
_cell.length_c   160.719
_cell.angle_alpha   90.000
_cell.angle_beta   90.000
_cell.angle_gamma   90.000
#
_symmetry.space_group_name_H-M   'P 41 21 2'
#
loop_
_entity.id
_entity.type
_entity.pdbx_description
1 polymer 'Peroxisome proliferator-activated receptor gamma'
2 polymer 'Nuclear receptor corepressor 1'
3 non-polymer 2-chloro-N-(5-cyanopyridin-3-yl)-5-nitrobenzamide
4 non-polymer 1,2-ETHANEDIOL
5 water water
#
loop_
_entity_poly.entity_id
_entity_poly.type
_entity_poly.pdbx_seq_one_letter_code
_entity_poly.pdbx_strand_id
1 'polypeptide(L)'
;GQLNPESADLRALAKHLYDSYIKSFPLTKAKARAILTGKTTDKSPFVIYDMNSLMMGEDKIKFKHITPLQEQSKEVAIRI
FQGCQFRSVEAVQEITEYAKSIPGFVNLDLNDQVTLLKYGVHEIIYTMLASLMNKDGVLISEGQGFMTREFLKSLRKPFG
DFMEPKFEFAVKFNALELDDSDLAIFIAVIILSGDRPGLLNVKPIEDIQDNLLQALELQLKLNHPESSQLFAKLLQKMTD
LRQIVTEHVQLLQVIKKTETDMSLHPLLQEIYKDLY
;
A
2 'polypeptide(L)' DPASNLGLEDIIRKALMGSFDDK D
#
# COMPACT_ATOMS: atom_id res chain seq x y z
N GLY A 1 31.94 -2.01 -0.64
CA GLY A 1 31.20 -2.15 -1.89
C GLY A 1 31.99 -1.53 -3.01
N GLN A 2 31.81 -2.04 -4.24
CA GLN A 2 32.58 -1.56 -5.38
C GLN A 2 31.62 -1.30 -6.53
N LEU A 3 32.02 -0.41 -7.43
CA LEU A 3 31.26 -0.16 -8.65
C LEU A 3 31.79 -1.13 -9.70
N ASN A 4 31.06 -2.21 -9.92
CA ASN A 4 31.53 -3.25 -10.83
C ASN A 4 30.36 -3.63 -11.74
N PRO A 5 30.50 -4.61 -12.64
CA PRO A 5 29.36 -4.94 -13.50
C PRO A 5 28.12 -5.33 -12.73
N GLU A 6 28.26 -6.05 -11.61
CA GLU A 6 27.06 -6.42 -10.86
C GLU A 6 26.35 -5.19 -10.31
N SER A 7 27.09 -4.25 -9.73
CA SER A 7 26.44 -3.10 -9.14
C SER A 7 25.78 -2.23 -10.22
N ALA A 8 26.43 -2.06 -11.35
CA ALA A 8 25.80 -1.34 -12.45
C ALA A 8 24.51 -2.01 -12.90
N ASP A 9 24.48 -3.34 -12.96
CA ASP A 9 23.25 -4.02 -13.34
C ASP A 9 22.16 -3.78 -12.30
N LEU A 10 22.53 -3.74 -11.02
CA LEU A 10 21.53 -3.48 -9.99
C LEU A 10 20.99 -2.06 -10.08
N ARG A 11 21.82 -1.09 -10.49
CA ARG A 11 21.30 0.27 -10.70
C ARG A 11 20.39 0.30 -11.90
N ALA A 12 20.71 -0.46 -12.94
CA ALA A 12 19.84 -0.48 -14.11
C ALA A 12 18.49 -1.11 -13.77
N LEU A 13 18.50 -2.14 -12.93
CA LEU A 13 17.25 -2.75 -12.50
C LEU A 13 16.45 -1.74 -11.69
N ALA A 14 17.10 -1.03 -10.78
CA ALA A 14 16.40 -0.01 -10.01
C ALA A 14 15.77 1.03 -10.90
N LYS A 15 16.48 1.47 -11.95
CA LYS A 15 15.91 2.46 -12.86
C LYS A 15 14.75 1.88 -13.65
N HIS A 16 14.89 0.64 -14.14
CA HIS A 16 13.79 0.01 -14.86
C HIS A 16 12.54 -0.05 -13.99
N LEU A 17 12.69 -0.46 -12.72
CA LEU A 17 11.56 -0.54 -11.79
C LEU A 17 10.98 0.84 -11.49
N TYR A 18 11.83 1.84 -11.26
CA TYR A 18 11.33 3.19 -11.08
C TYR A 18 10.54 3.67 -12.30
N ASP A 19 11.07 3.45 -13.51
CA ASP A 19 10.36 3.93 -14.68
C ASP A 19 9.01 3.22 -14.84
N SER A 20 8.98 1.93 -14.54
CA SER A 20 7.73 1.21 -14.67
C SER A 20 6.75 1.61 -13.58
N TYR A 21 7.23 1.85 -12.36
CA TYR A 21 6.40 2.35 -11.27
C TYR A 21 5.74 3.68 -11.63
N ILE A 22 6.51 4.61 -12.18
CA ILE A 22 5.95 5.90 -12.61
C ILE A 22 4.87 5.68 -13.67
N LYS A 23 5.10 4.74 -14.61
CA LYS A 23 4.11 4.48 -15.65
C LYS A 23 2.85 3.82 -15.09
N SER A 24 3.01 3.04 -14.02
CA SER A 24 1.91 2.21 -13.52
C SER A 24 1.05 2.92 -12.49
N PHE A 25 1.64 3.81 -11.69
CA PHE A 25 0.97 4.37 -10.52
C PHE A 25 0.90 5.89 -10.69
N PRO A 26 -0.23 6.43 -11.16
CA PRO A 26 -0.35 7.89 -11.29
C PRO A 26 -0.24 8.62 -9.96
N LEU A 27 -0.72 8.05 -8.87
CA LEU A 27 -0.64 8.68 -7.56
C LEU A 27 0.62 8.19 -6.85
N THR A 28 1.63 9.05 -6.81
CA THR A 28 2.94 8.73 -6.24
C THR A 28 3.10 9.35 -4.87
N LYS A 29 4.14 8.90 -4.16
CA LYS A 29 4.40 9.52 -2.87
C LYS A 29 4.75 10.99 -3.02
N ALA A 30 5.53 11.36 -4.05
CA ALA A 30 5.88 12.76 -4.22
C ALA A 30 4.64 13.62 -4.37
N LYS A 31 3.65 13.16 -5.15
CA LYS A 31 2.45 13.97 -5.32
C LYS A 31 1.67 14.08 -4.01
N ALA A 32 1.59 13.00 -3.25
CA ALA A 32 0.86 13.05 -1.99
C ALA A 32 1.57 13.95 -0.97
N ARG A 33 2.90 13.89 -0.90
CA ARG A 33 3.61 14.72 0.06
C ARG A 33 3.54 16.21 -0.30
N ALA A 34 3.57 16.54 -1.59
CA ALA A 34 3.41 17.93 -2.00
C ALA A 34 2.10 18.49 -1.50
N ILE A 35 1.03 17.70 -1.56
CA ILE A 35 -0.24 18.16 -0.98
C ILE A 35 -0.15 18.29 0.53
N LEU A 36 0.37 17.27 1.21
CA LEU A 36 0.31 17.25 2.65
C LEU A 36 1.24 18.26 3.31
N THR A 37 2.29 18.72 2.62
CA THR A 37 3.21 19.70 3.17
C THR A 37 2.94 21.11 2.70
N GLY A 38 1.84 21.35 1.98
CA GLY A 38 1.58 22.68 1.51
C GLY A 38 2.60 23.18 0.51
N LYS A 39 3.40 22.29 -0.09
CA LYS A 39 4.35 22.65 -1.15
C LYS A 39 3.73 22.54 -2.53
N THR A 40 2.46 22.86 -2.65
CA THR A 40 1.81 22.93 -3.95
C THR A 40 0.97 24.19 -4.00
N THR A 41 0.77 24.71 -5.21
CA THR A 41 -0.05 25.88 -5.43
C THR A 41 -1.46 25.51 -5.88
N ASP A 42 -1.66 24.27 -6.33
CA ASP A 42 -2.80 23.84 -7.13
C ASP A 42 -3.87 23.11 -6.34
N LYS A 43 -3.49 22.28 -5.37
CA LYS A 43 -4.43 21.42 -4.68
C LYS A 43 -4.49 21.80 -3.21
N SER A 44 -5.68 22.19 -2.74
CA SER A 44 -5.90 22.49 -1.33
C SER A 44 -7.10 21.72 -0.80
N PRO A 45 -6.87 20.58 -0.14
CA PRO A 45 -7.98 19.74 0.31
C PRO A 45 -8.81 20.39 1.42
N PHE A 46 -10.11 20.11 1.39
CA PHE A 46 -10.99 20.51 2.48
C PHE A 46 -10.75 19.59 3.66
N VAL A 47 -10.73 20.15 4.87
CA VAL A 47 -10.41 19.38 6.08
C VAL A 47 -11.69 18.97 6.79
N ILE A 48 -11.84 17.68 6.99
CA ILE A 48 -12.99 17.12 7.72
C ILE A 48 -12.48 16.65 9.06
N TYR A 49 -12.90 17.34 10.13
CA TYR A 49 -12.33 17.09 11.45
C TYR A 49 -13.39 16.83 12.50
N ASP A 50 -14.67 16.99 12.18
CA ASP A 50 -15.75 16.79 13.14
C ASP A 50 -17.05 16.64 12.34
N MET A 51 -18.12 16.35 13.05
CA MET A 51 -19.40 16.15 12.37
C MET A 51 -19.85 17.40 11.64
N ASN A 52 -19.64 18.59 12.23
CA ASN A 52 -20.03 19.83 11.58
C ASN A 52 -19.32 20.01 10.25
N SER A 53 -18.00 19.87 10.25
CA SER A 53 -17.25 20.05 9.00
C SER A 53 -17.57 18.96 8.00
N LEU A 54 -17.89 17.75 8.47
CA LEU A 54 -18.33 16.70 7.57
C LEU A 54 -19.51 17.18 6.73
N MET A 55 -20.50 17.81 7.39
CA MET A 55 -21.66 18.29 6.66
C MET A 55 -21.32 19.46 5.74
N MET A 56 -20.44 20.36 6.17
CA MET A 56 -20.03 21.46 5.30
C MET A 56 -19.25 20.98 4.08
N GLY A 57 -18.73 19.76 4.11
CA GLY A 57 -18.00 19.20 2.98
C GLY A 57 -18.82 18.40 2.00
N GLU A 58 -20.13 18.33 2.17
CA GLU A 58 -20.99 17.54 1.28
C GLU A 58 -20.74 17.71 -0.23
N GLU A 75 -24.83 -4.63 8.12
CA GLU A 75 -24.79 -4.33 6.70
C GLU A 75 -23.99 -3.06 6.33
N VAL A 76 -23.97 -2.01 7.17
CA VAL A 76 -23.23 -0.80 6.79
C VAL A 76 -21.76 -1.13 6.58
N ALA A 77 -21.15 -1.83 7.53
CA ALA A 77 -19.72 -2.12 7.42
C ALA A 77 -19.41 -3.04 6.25
N ILE A 78 -20.29 -4.00 5.99
CA ILE A 78 -20.04 -4.88 4.85
C ILE A 78 -20.19 -4.11 3.54
N ARG A 79 -21.17 -3.22 3.45
CA ARG A 79 -21.28 -2.34 2.28
C ARG A 79 -20.02 -1.48 2.09
N ILE A 80 -19.47 -0.95 3.18
CA ILE A 80 -18.20 -0.21 3.06
C ILE A 80 -17.13 -1.09 2.45
N PHE A 81 -16.99 -2.33 2.96
CA PHE A 81 -15.94 -3.21 2.49
C PHE A 81 -16.15 -3.60 1.02
N GLN A 82 -17.39 -3.89 0.63
CA GLN A 82 -17.67 -4.15 -0.77
C GLN A 82 -17.33 -2.95 -1.64
N GLY A 83 -17.67 -1.74 -1.15
CA GLY A 83 -17.37 -0.54 -1.90
C GLY A 83 -15.89 -0.25 -2.03
N CYS A 84 -15.13 -0.36 -0.94
CA CYS A 84 -13.71 -0.08 -1.03
C CYS A 84 -12.99 -1.16 -1.85
N GLN A 85 -13.46 -2.40 -1.77
CA GLN A 85 -12.86 -3.43 -2.61
C GLN A 85 -13.12 -3.13 -4.08
N PHE A 86 -14.33 -2.71 -4.42
CA PHE A 86 -14.63 -2.35 -5.80
C PHE A 86 -13.79 -1.18 -6.25
N ARG A 87 -13.64 -0.17 -5.40
CA ARG A 87 -12.83 0.99 -5.72
C ARG A 87 -11.35 0.64 -5.83
N SER A 88 -10.95 -0.47 -5.24
CA SER A 88 -9.55 -0.86 -5.28
C SER A 88 -9.21 -1.75 -6.46
N VAL A 89 -10.16 -2.04 -7.34
CA VAL A 89 -9.86 -2.81 -8.54
C VAL A 89 -8.80 -2.13 -9.38
N GLU A 90 -8.90 -0.80 -9.55
CA GLU A 90 -7.91 -0.09 -10.35
C GLU A 90 -6.51 -0.25 -9.76
N ALA A 91 -6.39 -0.17 -8.44
CA ALA A 91 -5.08 -0.38 -7.81
C ALA A 91 -4.57 -1.79 -8.05
N VAL A 92 -5.45 -2.80 -7.92
CA VAL A 92 -5.06 -4.17 -8.20
C VAL A 92 -4.55 -4.29 -9.63
N GLN A 93 -5.21 -3.64 -10.57
CA GLN A 93 -4.78 -3.70 -11.96
C GLN A 93 -3.44 -2.99 -12.16
N GLU A 94 -3.25 -1.85 -11.50
CA GLU A 94 -1.99 -1.12 -11.60
C GLU A 94 -0.83 -1.95 -11.03
N ILE A 95 -1.07 -2.59 -9.89
CA ILE A 95 -0.04 -3.42 -9.27
C ILE A 95 0.28 -4.62 -10.16
N THR A 96 -0.75 -5.22 -10.78
CA THR A 96 -0.53 -6.32 -11.70
C THR A 96 0.27 -5.88 -12.92
N GLU A 97 -0.05 -4.70 -13.48
CA GLU A 97 0.73 -4.18 -14.59
C GLU A 97 2.18 -3.97 -14.18
N TYR A 98 2.39 -3.40 -13.00
CA TYR A 98 3.75 -3.23 -12.49
C TYR A 98 4.46 -4.57 -12.37
N ALA A 99 3.78 -5.59 -11.83
CA ALA A 99 4.43 -6.89 -11.67
C ALA A 99 4.92 -7.43 -13.00
N LYS A 100 4.19 -7.16 -14.11
CA LYS A 100 4.62 -7.68 -15.41
C LYS A 100 5.95 -7.10 -15.85
N SER A 101 6.32 -5.95 -15.29
CA SER A 101 7.60 -5.32 -15.62
C SER A 101 8.77 -5.84 -14.80
N ILE A 102 8.52 -6.68 -13.80
CA ILE A 102 9.61 -7.15 -12.96
C ILE A 102 10.28 -8.27 -13.75
N PRO A 103 11.57 -8.17 -14.07
CA PRO A 103 12.16 -9.20 -14.93
C PRO A 103 12.02 -10.60 -14.35
N GLY A 104 11.49 -11.51 -15.17
CA GLY A 104 11.28 -12.88 -14.77
C GLY A 104 9.88 -13.21 -14.31
N PHE A 105 9.10 -12.20 -13.90
CA PHE A 105 7.80 -12.46 -13.29
C PHE A 105 6.87 -13.18 -14.26
N VAL A 106 6.72 -12.66 -15.49
CA VAL A 106 5.79 -13.31 -16.41
C VAL A 106 6.25 -14.68 -16.90
N ASN A 107 7.49 -15.07 -16.66
CA ASN A 107 7.93 -16.42 -17.01
C ASN A 107 7.64 -17.45 -15.94
N LEU A 108 7.21 -17.03 -14.75
CA LEU A 108 6.83 -17.95 -13.71
C LEU A 108 5.56 -18.67 -14.10
N ASP A 109 5.39 -19.84 -13.50
CA ASP A 109 4.11 -20.54 -13.61
C ASP A 109 2.95 -19.57 -13.30
N LEU A 110 1.93 -19.58 -14.16
CA LEU A 110 0.85 -18.60 -14.05
C LEU A 110 0.08 -18.75 -12.75
N ASN A 111 -0.04 -19.96 -12.23
CA ASN A 111 -0.64 -20.14 -10.92
C ASN A 111 0.13 -19.37 -9.87
N ASP A 112 1.45 -19.43 -9.94
CA ASP A 112 2.29 -18.71 -9.00
C ASP A 112 2.20 -17.20 -9.18
N GLN A 113 2.09 -16.70 -10.42
CA GLN A 113 1.89 -15.25 -10.59
C GLN A 113 0.62 -14.79 -9.89
N VAL A 114 -0.45 -15.57 -10.02
CA VAL A 114 -1.71 -15.21 -9.38
C VAL A 114 -1.58 -15.29 -7.87
N THR A 115 -0.95 -16.35 -7.37
CA THR A 115 -0.76 -16.48 -5.91
C THR A 115 0.06 -15.32 -5.33
N LEU A 116 1.14 -14.95 -6.02
CA LEU A 116 1.95 -13.84 -5.52
C LEU A 116 1.13 -12.57 -5.46
N LEU A 117 0.38 -12.28 -6.52
CA LEU A 117 -0.39 -11.04 -6.52
C LEU A 117 -1.58 -11.08 -5.55
N LYS A 118 -2.24 -12.23 -5.39
CA LYS A 118 -3.42 -12.22 -4.54
C LYS A 118 -3.04 -11.97 -3.07
N TYR A 119 -1.85 -12.40 -2.65
CA TYR A 119 -1.41 -12.04 -1.30
C TYR A 119 -0.74 -10.67 -1.31
N GLY A 120 0.05 -10.35 -2.32
CA GLY A 120 0.84 -9.13 -2.25
C GLY A 120 0.03 -7.86 -2.37
N VAL A 121 -1.10 -7.88 -3.11
CA VAL A 121 -1.79 -6.62 -3.38
C VAL A 121 -2.21 -5.93 -2.10
N HIS A 122 -2.68 -6.67 -1.09
CA HIS A 122 -3.15 -6.00 0.11
C HIS A 122 -2.02 -5.29 0.83
N GLU A 123 -0.86 -5.94 0.90
CA GLU A 123 0.29 -5.34 1.55
C GLU A 123 0.74 -4.11 0.78
N ILE A 124 0.66 -4.14 -0.55
CA ILE A 124 1.08 -3.01 -1.39
C ILE A 124 0.11 -1.84 -1.24
N ILE A 125 -1.19 -2.15 -1.19
CA ILE A 125 -2.20 -1.10 -1.02
C ILE A 125 -1.98 -0.38 0.31
N TYR A 126 -1.69 -1.11 1.40
CA TYR A 126 -1.40 -0.43 2.68
C TYR A 126 -0.11 0.38 2.62
N THR A 127 0.94 -0.12 1.93
CA THR A 127 2.17 0.62 1.78
C THR A 127 1.87 1.95 1.10
N MET A 128 1.10 1.94 0.02
CA MET A 128 0.80 3.15 -0.71
C MET A 128 -0.19 4.04 0.02
N LEU A 129 -1.07 3.44 0.84
CA LEU A 129 -1.96 4.28 1.65
C LEU A 129 -1.16 5.13 2.63
N ALA A 130 -0.05 4.60 3.15
CA ALA A 130 0.80 5.37 4.04
C ALA A 130 1.26 6.66 3.39
N SER A 131 1.51 6.67 2.06
CA SER A 131 1.92 7.91 1.44
C SER A 131 0.86 8.99 1.56
N LEU A 132 -0.42 8.60 1.66
CA LEU A 132 -1.53 9.54 1.77
C LEU A 132 -1.78 10.00 3.21
N MET A 133 -1.03 9.49 4.17
CA MET A 133 -1.28 9.69 5.59
C MET A 133 -0.17 10.50 6.23
N ASN A 134 -0.54 11.34 7.18
CA ASN A 134 0.43 11.83 8.16
C ASN A 134 -0.14 11.57 9.55
N LYS A 135 0.53 12.04 10.60
CA LYS A 135 0.03 11.81 11.96
C LYS A 135 -1.35 12.41 12.20
N ASP A 136 -1.78 13.38 11.37
CA ASP A 136 -3.03 14.12 11.56
C ASP A 136 -4.20 13.53 10.79
N GLY A 137 -3.98 12.75 9.74
CA GLY A 137 -5.10 12.32 8.93
C GLY A 137 -4.66 11.81 7.57
N VAL A 138 -5.64 11.64 6.71
CA VAL A 138 -5.44 10.94 5.44
C VAL A 138 -6.12 11.68 4.30
N LEU A 139 -5.45 11.74 3.15
CA LEU A 139 -6.06 12.33 1.97
C LEU A 139 -7.15 11.41 1.42
N ILE A 140 -8.26 12.01 0.96
CA ILE A 140 -9.41 11.30 0.41
C ILE A 140 -9.92 12.08 -0.79
N SER A 141 -10.91 11.47 -1.47
CA SER A 141 -11.56 12.07 -2.64
C SER A 141 -10.53 12.58 -3.63
N GLU A 142 -9.57 11.72 -3.97
CA GLU A 142 -8.54 12.06 -4.94
C GLU A 142 -7.79 13.34 -4.56
N GLY A 143 -7.32 13.40 -3.31
CA GLY A 143 -6.53 14.54 -2.88
C GLY A 143 -7.31 15.79 -2.58
N GLN A 144 -8.63 15.80 -2.81
CA GLN A 144 -9.49 16.97 -2.61
C GLN A 144 -9.99 17.10 -1.18
N GLY A 145 -9.79 16.08 -0.34
CA GLY A 145 -10.22 16.16 1.03
C GLY A 145 -9.14 15.58 1.94
N PHE A 146 -9.23 15.95 3.21
CA PHE A 146 -8.32 15.43 4.22
C PHE A 146 -9.19 15.06 5.40
N MET A 147 -9.19 13.79 5.77
CA MET A 147 -10.02 13.29 6.86
C MET A 147 -9.15 13.07 8.08
N THR A 148 -9.47 13.72 9.21
CA THR A 148 -8.53 13.60 10.35
C THR A 148 -8.58 12.24 11.03
N ARG A 149 -7.40 11.88 11.53
CA ARG A 149 -7.19 10.64 12.28
C ARG A 149 -8.04 10.60 13.53
N GLU A 150 -8.08 11.69 14.30
CA GLU A 150 -8.83 11.64 15.55
C GLU A 150 -10.32 11.64 15.30
N PHE A 151 -10.80 12.27 14.22
CA PHE A 151 -12.24 12.17 13.89
C PHE A 151 -12.60 10.73 13.53
N LEU A 152 -11.81 10.08 12.67
CA LEU A 152 -12.05 8.66 12.42
C LEU A 152 -12.07 7.83 13.72
N LYS A 153 -11.09 8.06 14.60
CA LYS A 153 -10.99 7.31 15.83
C LYS A 153 -12.19 7.52 16.75
N SER A 154 -12.85 8.71 16.67
CA SER A 154 -13.97 9.06 17.53
C SER A 154 -15.28 8.39 17.15
N LEU A 155 -15.35 7.79 15.95
CA LEU A 155 -16.63 7.26 15.48
C LEU A 155 -17.01 6.01 16.26
N ARG A 156 -18.33 5.77 16.29
CA ARG A 156 -18.86 4.69 17.13
C ARG A 156 -18.28 3.35 16.68
N LYS A 157 -18.24 2.41 17.62
CA LYS A 157 -17.74 1.10 17.30
C LYS A 157 -18.69 0.46 16.30
N PRO A 158 -18.16 -0.33 15.36
CA PRO A 158 -16.76 -0.77 15.24
C PRO A 158 -15.91 0.16 14.36
N PHE A 159 -16.57 1.17 13.78
CA PHE A 159 -15.93 2.03 12.79
C PHE A 159 -14.69 2.74 13.33
N GLY A 160 -14.78 3.26 14.57
CA GLY A 160 -13.66 4.03 15.11
C GLY A 160 -12.37 3.25 15.27
N ASP A 161 -12.43 1.92 15.25
CA ASP A 161 -11.24 1.09 15.32
C ASP A 161 -10.69 0.68 13.95
N PHE A 162 -11.37 0.98 12.84
CA PHE A 162 -10.95 0.47 11.54
C PHE A 162 -9.59 1.01 11.14
N MET A 163 -9.39 2.32 11.25
CA MET A 163 -8.22 2.91 10.60
C MET A 163 -7.05 3.18 11.54
N GLU A 164 -7.25 3.28 12.84
CA GLU A 164 -6.15 3.64 13.72
C GLU A 164 -4.92 2.74 13.60
N PRO A 165 -5.02 1.41 13.48
CA PRO A 165 -3.80 0.62 13.30
C PRO A 165 -3.07 0.96 12.04
N LYS A 166 -3.76 1.41 10.98
CA LYS A 166 -3.08 1.81 9.76
C LYS A 166 -2.34 3.11 9.97
N PHE A 167 -2.91 4.06 10.71
CA PHE A 167 -2.18 5.28 11.03
C PHE A 167 -0.98 4.98 11.89
N GLU A 168 -1.09 4.04 12.84
CA GLU A 168 0.07 3.73 13.66
C GLU A 168 1.19 3.18 12.80
N PHE A 169 0.85 2.28 11.88
CA PHE A 169 1.83 1.78 10.92
C PHE A 169 2.40 2.90 10.06
N ALA A 170 1.54 3.75 9.50
CA ALA A 170 1.99 4.76 8.56
C ALA A 170 2.97 5.74 9.20
N VAL A 171 2.74 6.13 10.45
CA VAL A 171 3.67 7.05 11.09
C VAL A 171 5.05 6.41 11.18
N LYS A 172 5.10 5.13 11.57
CA LYS A 172 6.38 4.45 11.71
C LYS A 172 7.04 4.22 10.34
N PHE A 173 6.23 3.88 9.32
CA PHE A 173 6.76 3.63 7.98
C PHE A 173 7.22 4.93 7.34
N ASN A 174 6.45 6.01 7.52
CA ASN A 174 6.81 7.30 6.92
C ASN A 174 8.04 7.88 7.59
N ALA A 175 8.34 7.46 8.84
CA ALA A 175 9.54 7.93 9.50
C ALA A 175 10.81 7.45 8.80
N LEU A 176 10.70 6.40 7.98
CA LEU A 176 11.86 5.96 7.20
C LEU A 176 12.20 6.88 6.03
N GLU A 177 11.30 7.81 5.69
CA GLU A 177 11.55 8.84 4.67
C GLU A 177 11.88 8.23 3.30
N LEU A 178 11.20 7.17 2.92
CA LEU A 178 11.45 6.57 1.61
C LEU A 178 10.90 7.47 0.51
N ASP A 179 11.53 7.42 -0.66
CA ASP A 179 10.97 8.10 -1.83
C ASP A 179 10.40 7.08 -2.81
N ASP A 180 9.87 7.59 -3.93
CA ASP A 180 9.28 6.71 -4.92
C ASP A 180 10.30 5.75 -5.53
N SER A 181 11.55 6.18 -5.70
CA SER A 181 12.53 5.24 -6.22
CA SER A 181 12.60 5.27 -6.19
C SER A 181 12.80 4.10 -5.23
N ASP A 182 12.79 4.38 -3.92
CA ASP A 182 12.92 3.31 -2.94
C ASP A 182 11.70 2.41 -2.97
N LEU A 183 10.50 3.01 -2.98
CA LEU A 183 9.25 2.27 -2.91
C LEU A 183 9.09 1.35 -4.11
N ALA A 184 9.56 1.76 -5.30
CA ALA A 184 9.41 0.88 -6.46
C ALA A 184 10.09 -0.45 -6.20
N ILE A 185 11.27 -0.43 -5.61
CA ILE A 185 11.97 -1.69 -5.38
C ILE A 185 11.33 -2.45 -4.24
N PHE A 186 10.94 -1.75 -3.16
CA PHE A 186 10.30 -2.41 -2.04
C PHE A 186 9.02 -3.14 -2.47
N ILE A 187 8.20 -2.48 -3.28
CA ILE A 187 6.96 -3.14 -3.74
C ILE A 187 7.28 -4.39 -4.55
N ALA A 188 8.31 -4.35 -5.40
CA ALA A 188 8.70 -5.54 -6.14
C ALA A 188 9.15 -6.66 -5.20
N VAL A 189 9.88 -6.34 -4.11
CA VAL A 189 10.28 -7.32 -3.11
C VAL A 189 9.05 -7.94 -2.48
N ILE A 190 8.03 -7.15 -2.16
CA ILE A 190 6.79 -7.72 -1.59
C ILE A 190 6.18 -8.73 -2.54
N ILE A 191 6.09 -8.39 -3.81
CA ILE A 191 5.42 -9.27 -4.76
C ILE A 191 6.16 -10.59 -4.86
N LEU A 192 7.49 -10.59 -4.92
CA LEU A 192 8.27 -11.81 -5.11
C LEU A 192 8.57 -12.52 -3.79
N SER A 193 7.55 -12.73 -2.97
CA SER A 193 7.69 -13.40 -1.66
C SER A 193 7.52 -14.91 -1.84
N GLY A 194 8.62 -15.65 -1.65
CA GLY A 194 8.54 -17.11 -1.71
C GLY A 194 7.78 -17.77 -0.58
N ASP A 195 7.36 -17.02 0.46
CA ASP A 195 6.62 -17.59 1.59
C ASP A 195 5.13 -17.75 1.38
N ARG A 196 4.58 -17.29 0.25
CA ARG A 196 3.13 -17.31 0.12
C ARG A 196 2.63 -18.75 0.10
N PRO A 197 1.50 -19.02 0.73
CA PRO A 197 0.96 -20.39 0.72
C PRO A 197 0.56 -20.78 -0.68
N GLY A 198 0.77 -22.06 -0.98
CA GLY A 198 0.27 -22.58 -2.23
C GLY A 198 1.15 -22.36 -3.44
N LEU A 199 2.34 -21.79 -3.27
CA LEU A 199 3.25 -21.65 -4.39
C LEU A 199 3.77 -23.00 -4.82
N LEU A 200 3.84 -23.19 -6.14
CA LEU A 200 4.27 -24.45 -6.72
C LEU A 200 5.78 -24.54 -6.86
N ASN A 201 6.43 -23.44 -7.29
CA ASN A 201 7.84 -23.43 -7.65
C ASN A 201 8.50 -22.27 -6.89
N VAL A 202 8.99 -22.54 -5.69
CA VAL A 202 9.49 -21.47 -4.84
C VAL A 202 10.85 -20.97 -5.30
N LYS A 203 11.72 -21.86 -5.78
CA LYS A 203 13.08 -21.44 -6.13
C LYS A 203 13.15 -20.32 -7.18
N PRO A 204 12.45 -20.39 -8.31
CA PRO A 204 12.54 -19.28 -9.28
C PRO A 204 12.02 -17.98 -8.72
N ILE A 205 11.08 -18.02 -7.77
CA ILE A 205 10.61 -16.80 -7.13
C ILE A 205 11.72 -16.22 -6.24
N GLU A 206 12.33 -17.08 -5.44
CA GLU A 206 13.39 -16.61 -4.55
C GLU A 206 14.59 -16.11 -5.36
N ASP A 207 14.83 -16.68 -6.54
CA ASP A 207 15.92 -16.19 -7.39
C ASP A 207 15.68 -14.74 -7.79
N ILE A 208 14.45 -14.42 -8.20
CA ILE A 208 14.14 -13.04 -8.53
C ILE A 208 14.20 -12.18 -7.29
N GLN A 209 13.61 -12.63 -6.19
CA GLN A 209 13.62 -11.80 -4.99
C GLN A 209 15.03 -11.50 -4.51
N ASP A 210 15.95 -12.45 -4.65
CA ASP A 210 17.35 -12.20 -4.24
C ASP A 210 17.94 -11.06 -5.04
N ASN A 211 17.67 -11.02 -6.34
CA ASN A 211 18.14 -9.91 -7.17
C ASN A 211 17.48 -8.60 -6.73
N LEU A 212 16.17 -8.63 -6.46
CA LEU A 212 15.48 -7.42 -6.02
C LEU A 212 16.00 -6.93 -4.68
N LEU A 213 16.30 -7.85 -3.76
CA LEU A 213 16.82 -7.46 -2.45
C LEU A 213 18.21 -6.87 -2.60
N GLN A 214 19.05 -7.42 -3.48
CA GLN A 214 20.35 -6.81 -3.73
C GLN A 214 20.16 -5.40 -4.26
N ALA A 215 19.21 -5.21 -5.19
CA ALA A 215 19.00 -3.88 -5.72
C ALA A 215 18.47 -2.94 -4.66
N LEU A 216 17.60 -3.42 -3.78
CA LEU A 216 17.07 -2.56 -2.73
C LEU A 216 18.15 -2.16 -1.74
N GLU A 217 18.99 -3.10 -1.33
CA GLU A 217 20.08 -2.80 -0.38
C GLU A 217 20.99 -1.72 -0.96
N LEU A 218 21.36 -1.83 -2.24
CA LEU A 218 22.22 -0.81 -2.84
C LEU A 218 21.51 0.52 -2.97
N GLN A 219 20.25 0.52 -3.39
CA GLN A 219 19.46 1.74 -3.48
C GLN A 219 19.44 2.47 -2.14
N LEU A 220 19.25 1.75 -1.04
CA LEU A 220 19.10 2.41 0.25
C LEU A 220 20.43 2.93 0.75
N LYS A 221 21.54 2.23 0.45
CA LYS A 221 22.86 2.78 0.77
C LYS A 221 23.14 4.07 0.00
N LEU A 222 22.81 4.08 -1.29
CA LEU A 222 23.11 5.27 -2.10
C LEU A 222 22.20 6.42 -1.72
N ASN A 223 20.96 6.15 -1.34
CA ASN A 223 19.96 7.19 -1.20
C ASN A 223 19.77 7.66 0.23
N HIS A 224 20.30 6.94 1.24
CA HIS A 224 20.02 7.27 2.64
C HIS A 224 21.28 7.14 3.47
N PRO A 225 22.24 8.03 3.28
CA PRO A 225 23.50 7.97 4.06
C PRO A 225 23.31 8.13 5.55
N GLU A 226 22.26 8.79 5.99
CA GLU A 226 22.19 9.09 7.41
C GLU A 226 21.38 8.04 8.16
N SER A 227 20.92 7.03 7.49
CA SER A 227 20.08 6.03 8.12
CA SER A 227 20.10 6.05 8.16
C SER A 227 20.94 4.84 8.51
N SER A 228 20.75 4.34 9.71
CA SER A 228 21.46 3.14 10.14
C SER A 228 20.50 1.97 9.94
N GLN A 229 20.97 0.96 9.21
CA GLN A 229 20.24 -0.30 9.10
C GLN A 229 18.88 -0.07 8.46
N LEU A 230 18.79 0.85 7.50
CA LEU A 230 17.51 1.11 6.87
C LEU A 230 16.97 -0.12 6.17
N PHE A 231 17.83 -0.88 5.48
CA PHE A 231 17.38 -2.10 4.80
C PHE A 231 16.68 -3.03 5.79
N ALA A 232 17.29 -3.30 6.94
CA ALA A 232 16.65 -4.17 7.93
C ALA A 232 15.39 -3.53 8.50
N LYS A 233 15.40 -2.22 8.73
CA LYS A 233 14.22 -1.58 9.30
C LYS A 233 13.05 -1.65 8.32
N LEU A 234 13.32 -1.49 7.04
CA LEU A 234 12.30 -1.55 6.02
C LEU A 234 11.78 -2.98 5.89
N LEU A 235 12.67 -3.99 5.89
CA LEU A 235 12.15 -5.36 5.83
C LEU A 235 11.30 -5.69 7.03
N GLN A 236 11.65 -5.15 8.21
CA GLN A 236 10.86 -5.41 9.42
C GLN A 236 9.47 -4.80 9.31
N LYS A 237 9.29 -3.75 8.52
CA LYS A 237 7.96 -3.16 8.32
C LYS A 237 7.01 -4.14 7.68
N MET A 238 7.53 -5.14 6.94
CA MET A 238 6.66 -6.16 6.37
C MET A 238 5.88 -6.89 7.46
N THR A 239 6.42 -6.97 8.69
CA THR A 239 5.69 -7.61 9.81
CA THR A 239 5.69 -7.64 9.75
C THR A 239 4.43 -6.84 10.12
N ASP A 240 4.55 -5.51 10.16
CA ASP A 240 3.39 -4.68 10.46
C ASP A 240 2.37 -4.73 9.35
N LEU A 241 2.81 -4.70 8.09
CA LEU A 241 1.89 -4.85 6.95
C LEU A 241 1.13 -6.17 7.07
N ARG A 242 1.86 -7.27 7.36
CA ARG A 242 1.21 -8.57 7.47
C ARG A 242 0.22 -8.57 8.60
N GLN A 243 0.57 -7.98 9.75
CA GLN A 243 -0.37 -7.94 10.84
C GLN A 243 -1.68 -7.25 10.44
N ILE A 244 -1.60 -6.09 9.79
CA ILE A 244 -2.80 -5.37 9.39
C ILE A 244 -3.66 -6.21 8.44
N VAL A 245 -3.03 -6.86 7.46
CA VAL A 245 -3.79 -7.72 6.55
C VAL A 245 -4.47 -8.85 7.30
N THR A 246 -3.71 -9.51 8.19
CA THR A 246 -4.23 -10.64 8.96
C THR A 246 -5.40 -10.20 9.86
N GLU A 247 -5.33 -8.99 10.40
CA GLU A 247 -6.37 -8.47 11.28
C GLU A 247 -7.66 -8.16 10.55
N HIS A 248 -7.62 -8.01 9.23
CA HIS A 248 -8.90 -7.75 8.54
C HIS A 248 -9.93 -8.85 8.80
N VAL A 249 -9.49 -10.11 8.91
CA VAL A 249 -10.37 -11.23 9.24
C VAL A 249 -11.05 -11.01 10.58
N GLN A 250 -10.28 -10.60 11.57
CA GLN A 250 -10.83 -10.36 12.91
C GLN A 250 -11.82 -9.21 12.89
N LEU A 251 -11.64 -8.26 12.00
CA LEU A 251 -12.54 -7.13 11.95
C LEU A 251 -13.91 -7.57 11.47
N LEU A 252 -13.93 -8.48 10.49
CA LEU A 252 -15.20 -9.07 10.06
C LEU A 252 -15.87 -9.82 11.20
N GLN A 253 -15.09 -10.49 12.06
CA GLN A 253 -15.68 -11.19 13.18
C GLN A 253 -16.26 -10.23 14.21
N VAL A 254 -15.58 -9.10 14.44
CA VAL A 254 -16.09 -8.09 15.35
C VAL A 254 -17.42 -7.53 14.85
N ILE A 255 -17.53 -7.31 13.53
CA ILE A 255 -18.74 -6.70 12.97
C ILE A 255 -19.95 -7.61 13.20
N LYS A 256 -19.82 -8.88 12.80
CA LYS A 256 -20.92 -9.82 13.00
C LYS A 256 -21.33 -9.91 14.46
N LYS A 257 -20.37 -9.74 15.38
CA LYS A 257 -20.66 -9.87 16.80
C LYS A 257 -21.18 -8.59 17.44
N THR A 258 -21.01 -7.44 16.79
CA THR A 258 -21.48 -6.18 17.36
C THR A 258 -23.00 -6.18 17.44
N GLU A 259 -23.53 -6.00 18.63
CA GLU A 259 -24.97 -5.95 18.86
C GLU A 259 -25.51 -4.53 18.91
N THR A 260 -24.64 -3.52 19.06
CA THR A 260 -25.07 -2.14 19.14
C THR A 260 -25.40 -1.60 17.75
N ASP A 261 -25.84 -0.35 17.71
CA ASP A 261 -26.21 0.27 16.44
C ASP A 261 -24.96 0.48 15.59
N MET A 262 -25.07 0.12 14.31
CA MET A 262 -23.99 0.35 13.36
C MET A 262 -24.42 1.26 12.20
N SER A 263 -25.33 2.19 12.48
CA SER A 263 -25.62 3.23 11.50
C SER A 263 -24.44 4.19 11.41
N LEU A 264 -24.34 4.88 10.28
CA LEU A 264 -23.21 5.76 10.00
C LEU A 264 -23.64 6.78 8.95
N HIS A 265 -23.29 8.04 9.18
CA HIS A 265 -23.68 9.10 8.26
C HIS A 265 -23.28 8.73 6.81
N PRO A 266 -24.17 8.94 5.82
CA PRO A 266 -23.83 8.57 4.43
C PRO A 266 -22.50 9.15 3.91
N LEU A 267 -22.15 10.37 4.31
CA LEU A 267 -20.89 10.94 3.85
C LEU A 267 -19.70 10.23 4.48
N LEU A 268 -19.84 9.75 5.72
CA LEU A 268 -18.78 8.92 6.30
C LEU A 268 -18.68 7.57 5.59
N GLN A 269 -19.81 6.96 5.23
CA GLN A 269 -19.71 5.72 4.45
C GLN A 269 -18.93 5.94 3.15
N GLU A 270 -19.18 7.07 2.48
CA GLU A 270 -18.47 7.36 1.24
C GLU A 270 -16.98 7.56 1.47
N ILE A 271 -16.63 8.27 2.54
CA ILE A 271 -15.21 8.47 2.88
C ILE A 271 -14.54 7.14 3.15
N TYR A 272 -15.21 6.23 3.89
CA TYR A 272 -14.55 4.97 4.19
C TYR A 272 -14.37 4.12 2.94
N LYS A 273 -15.27 4.25 1.96
CA LYS A 273 -15.10 3.49 0.73
C LYS A 273 -13.84 3.92 0.00
N ASP A 274 -13.26 5.07 0.33
CA ASP A 274 -12.03 5.51 -0.29
C ASP A 274 -10.80 4.97 0.43
N LEU A 275 -10.97 4.27 1.55
CA LEU A 275 -9.88 3.80 2.37
C LEU A 275 -9.72 2.28 2.17
N TYR A 276 -9.07 1.61 3.13
CA TYR A 276 -8.81 0.17 2.99
C TYR A 276 -8.44 -0.39 4.32
N ASN B 5 -11.04 -15.52 -1.82
CA ASN B 5 -11.46 -14.35 -2.57
C ASN B 5 -11.34 -14.58 -4.10
N LEU B 6 -12.29 -15.37 -4.63
CA LEU B 6 -12.26 -15.71 -6.06
C LEU B 6 -12.47 -14.48 -6.94
N GLY B 7 -13.22 -13.48 -6.46
CA GLY B 7 -13.34 -12.25 -7.22
C GLY B 7 -11.98 -11.61 -7.46
N LEU B 8 -11.15 -11.55 -6.42
CA LEU B 8 -9.83 -10.95 -6.57
C LEU B 8 -8.94 -11.77 -7.51
N GLU B 9 -8.99 -13.11 -7.42
CA GLU B 9 -8.21 -13.92 -8.34
C GLU B 9 -8.61 -13.66 -9.78
N ASP B 10 -9.90 -13.46 -10.01
CA ASP B 10 -10.38 -13.24 -11.37
C ASP B 10 -9.89 -11.90 -11.90
N ILE B 11 -9.92 -10.86 -11.06
CA ILE B 11 -9.37 -9.57 -11.44
C ILE B 11 -7.92 -9.70 -11.85
N ILE B 12 -7.11 -10.40 -11.05
CA ILE B 12 -5.69 -10.51 -11.34
C ILE B 12 -5.46 -11.31 -12.62
N ARG B 13 -6.15 -12.44 -12.75
CA ARG B 13 -5.98 -13.27 -13.93
C ARG B 13 -6.31 -12.48 -15.19
N LYS B 14 -7.39 -11.69 -15.17
CA LYS B 14 -7.73 -10.88 -16.34
C LYS B 14 -6.67 -9.83 -16.61
N ALA B 15 -6.15 -9.21 -15.54
CA ALA B 15 -5.16 -8.16 -15.73
C ALA B 15 -3.84 -8.71 -16.26
N LEU B 16 -3.53 -9.98 -15.96
CA LEU B 16 -2.34 -10.61 -16.51
C LEU B 16 -2.48 -10.97 -17.99
N MET B 17 -3.70 -11.06 -18.54
CA MET B 17 -3.88 -11.50 -19.92
C MET B 17 -3.22 -10.58 -20.97
#